data_7DL8
#
_entry.id   7DL8
#
_cell.length_a   70.028
_cell.length_b   86.236
_cell.length_c   211.259
_cell.angle_alpha   90.000
_cell.angle_beta   90.000
_cell.angle_gamma   90.000
#
_symmetry.space_group_name_H-M   'C 2 2 21'
#
loop_
_entity.id
_entity.type
_entity.pdbx_description
1 polymer 'ALBA-Domain Protein'
2 water water
#
_entity_poly.entity_id   1
_entity_poly.type   'polypeptide(L)'
_entity_poly.pdbx_seq_one_letter_code
;MMTTGKSDRPRNSVRVGYRGTKFLFVDITKHLLHDGEKEVYVSALGGAINEAVSVVEMLKDQQMVVVKKITTSRQVSEEP
DDGPVDKIEIVVTKADGFDAKYEEQQKAREAKRLEKEKNEKEKATALEHHHHHH
;
_entity_poly.pdbx_strand_id   A,B,C,D
#
# COMPACT_ATOMS: atom_id res chain seq x y z
N ASP A 8 11.45 -7.10 22.11
CA ASP A 8 10.20 -6.69 22.75
C ASP A 8 9.04 -7.59 22.31
N ARG A 9 9.32 -8.50 21.39
CA ARG A 9 8.33 -9.45 20.92
C ARG A 9 8.85 -10.87 21.07
N PRO A 10 7.96 -11.85 21.27
CA PRO A 10 8.41 -13.25 21.39
C PRO A 10 9.09 -13.72 20.12
N ARG A 11 9.78 -14.86 20.25
CA ARG A 11 10.54 -15.40 19.13
C ARG A 11 9.62 -15.82 17.99
N ASN A 12 8.44 -16.36 18.31
CA ASN A 12 7.50 -16.85 17.31
C ASN A 12 6.53 -15.76 16.84
N SER A 13 6.95 -14.50 16.88
CA SER A 13 6.13 -13.40 16.41
C SER A 13 6.91 -12.64 15.34
N VAL A 14 6.38 -12.62 14.12
CA VAL A 14 7.01 -11.97 12.98
C VAL A 14 6.22 -10.70 12.68
N ARG A 15 6.89 -9.56 12.75
CA ARG A 15 6.28 -8.27 12.50
C ARG A 15 6.58 -7.86 11.06
N VAL A 16 5.54 -7.84 10.23
CA VAL A 16 5.71 -7.46 8.83
C VAL A 16 5.74 -5.94 8.74
N GLY A 17 6.76 -5.42 8.07
CA GLY A 17 6.99 -3.99 8.03
C GLY A 17 7.91 -3.63 6.89
N TYR A 18 8.37 -2.39 6.92
CA TYR A 18 9.19 -1.86 5.85
C TYR A 18 10.67 -2.21 6.02
N ARG A 19 11.07 -2.65 7.20
CA ARG A 19 12.44 -3.08 7.45
C ARG A 19 12.77 -4.41 6.79
N GLY A 20 11.84 -4.99 6.04
CA GLY A 20 12.05 -6.27 5.39
C GLY A 20 11.09 -6.45 4.23
N THR A 21 11.32 -7.52 3.48
CA THR A 21 10.50 -7.91 2.35
C THR A 21 9.53 -9.02 2.74
N LYS A 22 8.51 -9.21 1.89
CA LYS A 22 7.57 -10.30 2.09
C LYS A 22 8.25 -11.66 1.94
N PHE A 23 9.27 -11.76 1.07
CA PHE A 23 9.99 -13.01 0.92
C PHE A 23 10.74 -13.38 2.19
N LEU A 24 11.29 -12.37 2.89
CA LEU A 24 12.03 -12.63 4.11
C LEU A 24 11.10 -13.10 5.24
N PHE A 25 9.93 -12.47 5.36
CA PHE A 25 9.00 -12.87 6.41
C PHE A 25 8.39 -14.25 6.15
N VAL A 26 8.22 -14.61 4.89
CA VAL A 26 7.79 -15.98 4.55
C VAL A 26 8.85 -16.99 4.97
N ASP A 27 10.12 -16.68 4.68
CA ASP A 27 11.20 -17.60 5.04
C ASP A 27 11.36 -17.70 6.56
N ILE A 28 11.29 -16.56 7.25
CA ILE A 28 11.40 -16.57 8.71
C ILE A 28 10.29 -17.41 9.33
N THR A 29 9.06 -17.24 8.84
CA THR A 29 7.94 -18.01 9.35
C THR A 29 8.15 -19.50 9.09
N LYS A 30 8.62 -19.86 7.90
CA LYS A 30 8.90 -21.26 7.60
C LYS A 30 10.01 -21.81 8.50
N HIS A 31 11.07 -21.02 8.70
CA HIS A 31 12.18 -21.47 9.53
C HIS A 31 11.76 -21.63 10.98
N LEU A 32 10.92 -20.72 11.48
CA LEU A 32 10.48 -20.81 12.87
C LEU A 32 9.60 -22.03 13.10
N LEU A 33 8.72 -22.34 12.14
CA LEU A 33 7.88 -23.52 12.28
C LEU A 33 8.71 -24.79 12.21
N HIS A 34 9.72 -24.82 11.34
CA HIS A 34 10.56 -26.00 11.20
C HIS A 34 11.44 -26.20 12.42
N ASP A 35 11.79 -25.12 13.12
CA ASP A 35 12.68 -25.18 14.29
C ASP A 35 11.90 -25.21 15.60
N GLY A 36 10.80 -25.97 15.66
CA GLY A 36 10.15 -26.29 16.91
C GLY A 36 8.88 -25.51 17.21
N GLU A 37 8.74 -24.30 16.69
CA GLU A 37 7.60 -23.46 17.04
C GLU A 37 6.31 -24.08 16.52
N LYS A 38 5.32 -24.18 17.41
CA LYS A 38 4.02 -24.72 17.01
C LYS A 38 3.19 -23.71 16.24
N GLU A 39 3.34 -22.42 16.53
CA GLU A 39 2.57 -21.39 15.85
C GLU A 39 3.41 -20.13 15.72
N VAL A 40 3.19 -19.39 14.64
CA VAL A 40 3.85 -18.12 14.38
C VAL A 40 2.79 -17.04 14.27
N TYR A 41 3.01 -15.91 14.95
CA TYR A 41 2.09 -14.78 14.94
C TYR A 41 2.58 -13.76 13.91
N VAL A 42 1.88 -13.68 12.78
CA VAL A 42 2.21 -12.74 11.71
C VAL A 42 1.33 -11.51 11.87
N SER A 43 1.94 -10.36 12.16
CA SER A 43 1.23 -9.14 12.47
C SER A 43 1.83 -7.96 11.70
N ALA A 44 1.04 -6.89 11.61
CA ALA A 44 1.48 -5.67 10.95
C ALA A 44 0.61 -4.51 11.41
N LEU A 45 1.11 -3.29 11.19
CA LEU A 45 0.46 -2.06 11.62
C LEU A 45 0.05 -1.22 10.42
N GLY A 46 -1.13 -0.61 10.51
CA GLY A 46 -1.59 0.38 9.55
C GLY A 46 -1.49 -0.02 8.09
N GLY A 47 -0.70 0.73 7.34
CA GLY A 47 -0.56 0.50 5.90
C GLY A 47 0.13 -0.79 5.54
N ALA A 48 0.78 -1.45 6.50
CA ALA A 48 1.44 -2.73 6.26
C ALA A 48 0.52 -3.91 6.52
N ILE A 49 -0.74 -3.68 6.91
CA ILE A 49 -1.66 -4.77 7.20
C ILE A 49 -1.89 -5.63 5.96
N ASN A 50 -2.00 -4.99 4.79
CA ASN A 50 -2.18 -5.74 3.55
C ASN A 50 -0.96 -6.61 3.25
N GLU A 51 0.24 -6.06 3.50
CA GLU A 51 1.46 -6.81 3.25
C GLU A 51 1.55 -8.04 4.15
N ALA A 52 1.05 -7.95 5.39
CA ALA A 52 0.98 -9.12 6.25
C ALA A 52 0.04 -10.18 5.69
N VAL A 53 -1.02 -9.75 5.01
CA VAL A 53 -1.95 -10.70 4.40
C VAL A 53 -1.29 -11.39 3.21
N SER A 54 -0.48 -10.65 2.45
CA SER A 54 0.21 -11.26 1.31
C SER A 54 1.27 -12.25 1.78
N VAL A 55 1.89 -12.03 2.93
CA VAL A 55 2.85 -12.99 3.46
C VAL A 55 2.16 -14.31 3.80
N VAL A 56 0.96 -14.24 4.37
CA VAL A 56 0.24 -15.45 4.74
C VAL A 56 -0.32 -16.14 3.51
N GLU A 57 -0.82 -15.37 2.54
CA GLU A 57 -1.33 -15.97 1.32
C GLU A 57 -0.22 -16.67 0.53
N MET A 58 0.99 -16.13 0.56
CA MET A 58 2.12 -16.81 -0.07
C MET A 58 2.41 -18.14 0.59
N LEU A 59 2.37 -18.17 1.93
CA LEU A 59 2.55 -19.43 2.65
C LEU A 59 1.42 -20.41 2.34
N LYS A 60 0.21 -19.88 2.12
CA LYS A 60 -0.93 -20.74 1.77
C LYS A 60 -0.80 -21.30 0.36
N ASP A 61 -0.26 -20.50 -0.58
CA ASP A 61 -0.04 -21.00 -1.94
C ASP A 61 0.98 -22.13 -1.96
N GLN A 62 2.01 -22.03 -1.15
CA GLN A 62 3.00 -23.10 -1.02
C GLN A 62 2.48 -24.26 -0.16
N GLN A 63 1.25 -24.17 0.32
CA GLN A 63 0.62 -25.23 1.11
C GLN A 63 1.45 -25.58 2.34
N MET A 64 2.03 -24.54 2.95
CA MET A 64 2.91 -24.73 4.10
C MET A 64 2.21 -24.51 5.44
N VAL A 65 1.24 -23.59 5.51
CA VAL A 65 0.62 -23.24 6.77
C VAL A 65 -0.90 -23.35 6.63
N VAL A 66 -1.56 -23.38 7.78
CA VAL A 66 -3.01 -23.22 7.88
C VAL A 66 -3.27 -22.11 8.88
N VAL A 67 -4.26 -21.26 8.58
CA VAL A 67 -4.58 -20.13 9.44
C VAL A 67 -5.40 -20.63 10.62
N LYS A 68 -4.91 -20.36 11.83
CA LYS A 68 -5.62 -20.74 13.04
C LYS A 68 -6.49 -19.63 13.61
N LYS A 69 -6.12 -18.37 13.40
CA LYS A 69 -6.85 -17.25 13.97
C LYS A 69 -6.39 -15.95 13.33
N ILE A 70 -7.34 -15.04 13.10
CA ILE A 70 -7.05 -13.69 12.63
C ILE A 70 -7.82 -12.73 13.53
N THR A 71 -7.11 -11.79 14.14
CA THR A 71 -7.72 -10.77 14.99
C THR A 71 -7.23 -9.39 14.57
N THR A 72 -8.09 -8.39 14.76
CA THR A 72 -7.75 -6.99 14.55
C THR A 72 -7.87 -6.24 15.87
N SER A 73 -7.05 -5.20 16.01
CA SER A 73 -7.04 -4.41 17.23
C SER A 73 -6.61 -2.99 16.89
N ARG A 74 -6.67 -2.11 17.89
CA ARG A 74 -6.31 -0.71 17.73
C ARG A 74 -5.44 -0.26 18.89
N GLN A 75 -4.27 0.27 18.57
CA GLN A 75 -3.32 0.81 19.53
C GLN A 75 -3.01 2.27 19.20
N VAL A 76 -2.33 2.94 20.11
CA VAL A 76 -1.96 4.34 19.93
C VAL A 76 -0.58 4.40 19.29
N SER A 77 -0.29 5.52 18.65
CA SER A 77 1.00 5.70 17.98
C SER A 77 2.10 6.08 18.98
N GLY A 83 -2.48 9.90 16.22
CA GLY A 83 -3.66 9.16 15.81
C GLY A 83 -3.60 7.68 16.16
N PRO A 84 -4.74 7.00 16.10
CA PRO A 84 -4.75 5.57 16.42
C PRO A 84 -4.14 4.74 15.30
N VAL A 85 -3.58 3.60 15.68
CA VAL A 85 -2.91 2.69 14.77
C VAL A 85 -3.63 1.34 14.84
N ASP A 86 -4.11 0.86 13.70
CA ASP A 86 -4.78 -0.42 13.63
C ASP A 86 -3.79 -1.53 13.32
N LYS A 87 -4.12 -2.74 13.79
CA LYS A 87 -3.20 -3.87 13.75
C LYS A 87 -3.94 -5.15 13.41
N ILE A 88 -3.33 -5.97 12.57
CA ILE A 88 -3.83 -7.31 12.25
C ILE A 88 -2.84 -8.32 12.81
N GLU A 89 -3.35 -9.50 13.17
CA GLU A 89 -2.51 -10.57 13.71
C GLU A 89 -3.05 -11.90 13.20
N ILE A 90 -2.25 -12.60 12.39
CA ILE A 90 -2.61 -13.89 11.83
C ILE A 90 -1.77 -14.96 12.50
N VAL A 91 -2.42 -15.98 13.06
CA VAL A 91 -1.74 -17.10 13.69
C VAL A 91 -1.73 -18.25 12.70
N VAL A 92 -0.53 -18.72 12.34
CA VAL A 92 -0.37 -19.81 11.39
C VAL A 92 0.31 -20.98 12.09
N THR A 93 -0.09 -22.20 11.71
CA THR A 93 0.52 -23.42 12.17
C THR A 93 0.93 -24.25 10.95
N LYS A 94 1.64 -25.34 11.21
CA LYS A 94 2.06 -26.22 10.13
C LYS A 94 0.87 -26.84 9.44
N ALA A 95 0.95 -26.92 8.11
CA ALA A 95 -0.03 -27.67 7.34
C ALA A 95 0.43 -29.13 7.23
N ASP A 96 -0.45 -29.97 6.70
CA ASP A 96 -0.09 -31.38 6.54
C ASP A 96 0.92 -31.51 5.40
N GLY A 97 1.99 -32.24 5.65
CA GLY A 97 3.07 -32.30 4.69
C GLY A 97 3.98 -31.09 4.67
N PHE A 98 4.01 -30.30 5.74
CA PHE A 98 4.91 -29.16 5.79
C PHE A 98 6.37 -29.60 5.76
N ASP A 99 6.73 -30.56 6.62
CA ASP A 99 8.11 -31.03 6.69
C ASP A 99 8.59 -31.56 5.34
N ALA A 100 7.74 -32.31 4.64
CA ALA A 100 8.15 -32.86 3.34
C ALA A 100 8.33 -31.77 2.29
N LYS A 101 7.54 -30.70 2.35
CA LYS A 101 7.69 -29.64 1.37
C LYS A 101 8.78 -28.63 1.76
N TYR A 102 9.02 -28.46 3.07
CA TYR A 102 10.12 -27.61 3.49
C TYR A 102 11.47 -28.28 3.27
N GLU A 103 11.53 -29.61 3.42
CA GLU A 103 12.78 -30.31 3.20
C GLU A 103 13.16 -30.34 1.72
N GLU A 104 12.15 -30.34 0.83
CA GLU A 104 12.45 -30.24 -0.59
C GLU A 104 12.91 -28.83 -0.96
N GLN A 105 12.42 -27.81 -0.26
CA GLN A 105 12.87 -26.45 -0.51
C GLN A 105 14.26 -26.22 0.05
N GLN A 106 14.57 -26.82 1.20
CA GLN A 106 15.93 -26.75 1.74
C GLN A 106 16.89 -27.51 0.84
N LYS A 107 16.48 -28.70 0.38
CA LYS A 107 17.31 -29.47 -0.54
C LYS A 107 17.55 -28.72 -1.84
N ALA A 108 16.54 -27.99 -2.32
CA ALA A 108 16.68 -27.25 -3.57
C ALA A 108 17.55 -26.02 -3.40
N ARG A 109 17.61 -25.45 -2.20
CA ARG A 109 18.46 -24.28 -1.97
C ARG A 109 19.92 -24.66 -1.82
N GLU A 110 20.21 -25.85 -1.28
CA GLU A 110 21.59 -26.29 -1.20
C GLU A 110 22.13 -26.74 -2.55
N ALA A 111 21.27 -27.36 -3.38
CA ALA A 111 21.68 -27.76 -4.71
C ALA A 111 22.13 -26.56 -5.54
N LYS A 112 21.41 -25.44 -5.42
CA LYS A 112 21.78 -24.26 -6.18
C LYS A 112 22.97 -23.53 -5.57
N ARG A 113 23.18 -23.68 -4.26
CA ARG A 113 24.34 -23.05 -3.63
C ARG A 113 25.61 -23.82 -3.98
N LEU A 114 25.52 -25.14 -4.07
CA LEU A 114 26.68 -25.94 -4.47
C LEU A 114 26.95 -25.82 -5.97
N GLU A 115 25.92 -25.61 -6.78
CA GLU A 115 26.12 -25.41 -8.21
C GLU A 115 26.79 -24.08 -8.49
N LYS A 116 26.47 -23.04 -7.71
CA LYS A 116 27.09 -21.73 -7.90
C LYS A 116 28.53 -21.72 -7.40
N GLU A 117 28.79 -22.36 -6.26
CA GLU A 117 30.15 -22.38 -5.72
C GLU A 117 31.07 -23.26 -6.58
N LYS A 118 30.54 -24.36 -7.11
CA LYS A 118 31.35 -25.24 -7.96
C LYS A 118 31.65 -24.57 -9.30
N ASN A 119 30.68 -23.82 -9.84
CA ASN A 119 30.86 -23.18 -11.13
C ASN A 119 31.77 -21.97 -11.03
N GLU A 120 31.67 -21.20 -9.94
CA GLU A 120 32.49 -20.01 -9.78
C GLU A 120 33.94 -20.33 -9.43
N LYS A 121 34.20 -21.50 -8.83
CA LYS A 121 35.58 -21.94 -8.64
C LYS A 121 36.13 -22.61 -9.89
N GLU A 122 35.25 -23.18 -10.71
CA GLU A 122 35.68 -23.67 -12.03
C GLU A 122 36.06 -22.52 -12.94
N LYS A 123 35.27 -21.44 -12.94
CA LYS A 123 35.56 -20.30 -13.80
C LYS A 123 36.84 -19.59 -13.38
N ALA A 124 37.20 -19.66 -12.10
CA ALA A 124 38.42 -19.04 -11.62
C ALA A 124 39.67 -19.85 -11.91
N THR A 125 39.52 -21.06 -12.42
CA THR A 125 40.64 -21.94 -12.73
C THR A 125 40.58 -22.41 -14.18
N ALA A 126 40.25 -21.51 -15.09
CA ALA A 126 40.16 -21.86 -16.51
C ALA A 126 41.33 -21.25 -17.29
N ARG B 9 12.02 -4.28 -23.46
CA ARG B 9 12.32 -3.55 -22.23
C ARG B 9 13.79 -3.19 -22.15
N PRO B 10 14.09 -1.89 -22.22
CA PRO B 10 15.49 -1.44 -22.26
C PRO B 10 16.24 -1.80 -20.98
N ARG B 11 17.56 -1.69 -21.06
CA ARG B 11 18.41 -2.04 -19.93
C ARG B 11 18.28 -1.02 -18.80
N ASN B 12 18.11 0.26 -19.14
CA ASN B 12 18.02 1.33 -18.14
C ASN B 12 16.59 1.58 -17.69
N SER B 13 15.73 0.57 -17.74
CA SER B 13 14.35 0.69 -17.28
C SER B 13 14.10 -0.35 -16.21
N VAL B 14 13.80 0.11 -15.00
CA VAL B 14 13.52 -0.76 -13.87
C VAL B 14 12.03 -0.69 -13.59
N ARG B 15 11.35 -1.83 -13.68
CA ARG B 15 9.91 -1.90 -13.45
C ARG B 15 9.68 -2.39 -12.03
N VAL B 16 9.17 -1.50 -11.18
CA VAL B 16 8.90 -1.84 -9.79
C VAL B 16 7.56 -2.57 -9.73
N GLY B 17 7.55 -3.72 -9.07
CA GLY B 17 6.39 -4.57 -9.04
C GLY B 17 6.50 -5.56 -7.89
N TYR B 18 5.58 -6.52 -7.89
CA TYR B 18 5.49 -7.45 -6.78
C TYR B 18 6.40 -8.66 -6.96
N ARG B 19 6.89 -8.91 -8.17
CA ARG B 19 7.84 -10.00 -8.40
C ARG B 19 9.23 -9.62 -7.90
N GLY B 20 9.30 -8.65 -7.00
CA GLY B 20 10.57 -8.19 -6.48
C GLY B 20 10.37 -7.49 -5.17
N THR B 21 11.46 -6.84 -4.72
CA THR B 21 11.44 -6.05 -3.49
C THR B 21 12.00 -4.67 -3.77
N LYS B 22 11.69 -3.74 -2.86
CA LYS B 22 12.22 -2.39 -2.97
C LYS B 22 13.74 -2.38 -2.83
N PHE B 23 14.29 -3.29 -2.01
CA PHE B 23 15.74 -3.36 -1.86
C PHE B 23 16.40 -3.83 -3.15
N LEU B 24 15.75 -4.74 -3.87
CA LEU B 24 16.32 -5.25 -5.12
C LEU B 24 16.32 -4.19 -6.21
N PHE B 25 15.22 -3.42 -6.33
CA PHE B 25 15.17 -2.38 -7.35
C PHE B 25 16.12 -1.23 -7.04
N VAL B 26 16.36 -0.96 -5.75
CA VAL B 26 17.38 0.01 -5.38
C VAL B 26 18.76 -0.48 -5.79
N ASP B 27 19.04 -1.77 -5.56
CA ASP B 27 20.33 -2.32 -5.93
C ASP B 27 20.52 -2.34 -7.45
N ILE B 28 19.48 -2.75 -8.18
CA ILE B 28 19.57 -2.77 -9.64
C ILE B 28 19.82 -1.37 -10.19
N THR B 29 19.10 -0.37 -9.65
CA THR B 29 19.30 1.01 -10.10
C THR B 29 20.71 1.49 -9.82
N LYS B 30 21.25 1.16 -8.65
CA LYS B 30 22.63 1.53 -8.33
C LYS B 30 23.60 0.83 -9.27
N HIS B 31 23.37 -0.46 -9.54
CA HIS B 31 24.26 -1.22 -10.41
C HIS B 31 24.21 -0.68 -11.84
N LEU B 32 23.03 -0.30 -12.32
CA LEU B 32 22.92 0.18 -13.68
C LEU B 32 23.62 1.52 -13.86
N LEU B 33 23.52 2.42 -12.87
CA LEU B 33 24.22 3.68 -12.96
C LEU B 33 25.73 3.48 -12.87
N HIS B 34 26.16 2.55 -12.02
CA HIS B 34 27.58 2.24 -11.90
C HIS B 34 28.11 1.49 -13.12
N ASP B 35 27.27 0.70 -13.78
CA ASP B 35 27.67 -0.11 -14.93
C ASP B 35 27.33 0.53 -16.26
N GLY B 36 27.55 1.85 -16.42
CA GLY B 36 27.52 2.51 -17.70
C GLY B 36 26.30 3.36 -17.96
N GLU B 37 25.15 3.03 -17.38
CA GLU B 37 23.93 3.76 -17.69
C GLU B 37 24.02 5.20 -17.18
N LYS B 38 23.70 6.15 -18.05
CA LYS B 38 23.69 7.56 -17.65
C LYS B 38 22.45 7.91 -16.84
N GLU B 39 21.32 7.27 -17.13
CA GLU B 39 20.06 7.55 -16.45
C GLU B 39 19.27 6.25 -16.35
N VAL B 40 18.50 6.12 -15.28
CA VAL B 40 17.66 4.94 -15.06
C VAL B 40 16.21 5.39 -14.99
N TYR B 41 15.34 4.66 -15.71
CA TYR B 41 13.92 4.94 -15.76
C TYR B 41 13.22 4.01 -14.77
N VAL B 42 12.78 4.55 -13.64
CA VAL B 42 12.09 3.79 -12.61
C VAL B 42 10.59 3.97 -12.80
N SER B 43 9.88 2.88 -13.10
CA SER B 43 8.47 2.95 -13.45
C SER B 43 7.69 1.90 -12.67
N ALA B 44 6.37 2.11 -12.61
CA ALA B 44 5.46 1.17 -11.97
C ALA B 44 4.05 1.45 -12.44
N LEU B 45 3.18 0.45 -12.27
CA LEU B 45 1.80 0.52 -12.72
C LEU B 45 0.86 0.42 -11.52
N GLY B 46 -0.22 1.20 -11.57
CA GLY B 46 -1.31 1.11 -10.60
C GLY B 46 -0.91 1.15 -9.14
N GLY B 47 -1.21 0.07 -8.41
CA GLY B 47 -0.94 0.02 -6.98
C GLY B 47 0.52 0.01 -6.60
N ALA B 48 1.42 -0.21 -7.56
CA ALA B 48 2.85 -0.19 -7.32
C ALA B 48 3.48 1.18 -7.51
N ILE B 49 2.67 2.19 -7.87
CA ILE B 49 3.21 3.53 -8.10
C ILE B 49 3.86 4.08 -6.83
N ASN B 50 3.24 3.84 -5.66
CA ASN B 50 3.83 4.28 -4.41
C ASN B 50 5.14 3.56 -4.14
N GLU B 51 5.21 2.26 -4.44
CA GLU B 51 6.44 1.51 -4.22
C GLU B 51 7.57 2.01 -5.09
N ALA B 52 7.26 2.48 -6.31
CA ALA B 52 8.28 3.11 -7.14
C ALA B 52 8.80 4.38 -6.50
N VAL B 53 7.92 5.10 -5.79
CA VAL B 53 8.36 6.30 -5.08
C VAL B 53 9.25 5.94 -3.90
N SER B 54 8.94 4.82 -3.24
CA SER B 54 9.76 4.37 -2.12
C SER B 54 11.15 3.93 -2.61
N VAL B 55 11.23 3.37 -3.81
CA VAL B 55 12.54 2.99 -4.36
C VAL B 55 13.40 4.22 -4.61
N VAL B 56 12.79 5.28 -5.14
CA VAL B 56 13.56 6.50 -5.44
C VAL B 56 13.89 7.27 -4.17
N GLU B 57 12.96 7.31 -3.21
CA GLU B 57 13.24 7.99 -1.95
C GLU B 57 14.38 7.32 -1.19
N MET B 58 14.48 6.00 -1.28
CA MET B 58 15.60 5.29 -0.67
C MET B 58 16.91 5.69 -1.33
N LEU B 59 16.93 5.79 -2.65
CA LEU B 59 18.13 6.22 -3.36
C LEU B 59 18.48 7.66 -3.02
N LYS B 60 17.47 8.50 -2.82
CA LYS B 60 17.72 9.88 -2.41
C LYS B 60 18.21 9.96 -0.97
N ASP B 61 17.67 9.08 -0.10
CA ASP B 61 18.13 9.06 1.28
C ASP B 61 19.60 8.68 1.37
N GLN B 62 20.03 7.72 0.54
CA GLN B 62 21.43 7.33 0.47
C GLN B 62 22.29 8.34 -0.30
N GLN B 63 21.69 9.43 -0.79
CA GLN B 63 22.40 10.49 -1.52
C GLN B 63 23.13 9.94 -2.74
N MET B 64 22.49 8.99 -3.43
CA MET B 64 23.09 8.35 -4.59
C MET B 64 22.60 8.92 -5.91
N VAL B 65 21.34 9.35 -5.99
CA VAL B 65 20.74 9.80 -7.25
C VAL B 65 20.13 11.18 -7.06
N VAL B 66 19.85 11.82 -8.20
CA VAL B 66 19.02 13.02 -8.24
C VAL B 66 17.92 12.78 -9.27
N VAL B 67 16.72 13.25 -8.94
CA VAL B 67 15.57 13.04 -9.83
C VAL B 67 15.63 14.06 -10.95
N LYS B 68 15.63 13.57 -12.19
CA LYS B 68 15.67 14.43 -13.36
C LYS B 68 14.30 14.72 -13.95
N LYS B 69 13.34 13.82 -13.77
CA LYS B 69 12.01 13.98 -14.35
C LYS B 69 11.06 12.99 -13.73
N ILE B 70 9.82 13.43 -13.49
CA ILE B 70 8.73 12.57 -13.05
C ILE B 70 7.53 12.85 -13.94
N THR B 71 7.00 11.80 -14.56
CA THR B 71 5.81 11.93 -15.39
C THR B 71 4.81 10.85 -14.98
N THR B 72 3.54 11.19 -15.13
CA THR B 72 2.45 10.23 -14.93
C THR B 72 1.73 10.07 -16.25
N SER B 73 1.22 8.86 -16.49
CA SER B 73 0.54 8.55 -17.73
C SER B 73 -0.43 7.42 -17.50
N ARG B 74 -1.16 7.07 -18.57
CA ARG B 74 -2.11 5.97 -18.57
C ARG B 74 -1.81 5.17 -19.82
N GLN B 75 -1.52 3.89 -19.65
CA GLN B 75 -1.19 3.04 -20.79
C GLN B 75 -2.16 1.88 -20.90
N VAL B 76 -2.14 1.26 -22.08
CA VAL B 76 -3.00 0.12 -22.38
C VAL B 76 -2.25 -1.18 -22.13
N PRO B 84 -8.52 0.45 -16.75
CA PRO B 84 -7.39 1.31 -17.12
C PRO B 84 -6.25 1.21 -16.12
N VAL B 85 -5.01 1.41 -16.57
CA VAL B 85 -3.83 1.29 -15.72
C VAL B 85 -3.05 2.60 -15.75
N ASP B 86 -2.83 3.18 -14.59
CA ASP B 86 -2.04 4.40 -14.47
C ASP B 86 -0.58 4.05 -14.23
N LYS B 87 0.31 4.94 -14.66
CA LYS B 87 1.74 4.66 -14.65
C LYS B 87 2.54 5.89 -14.23
N ILE B 88 3.56 5.67 -13.40
CA ILE B 88 4.52 6.70 -13.02
C ILE B 88 5.88 6.31 -13.59
N GLU B 89 6.69 7.33 -13.89
CA GLU B 89 8.04 7.11 -14.42
C GLU B 89 8.96 8.18 -13.85
N ILE B 90 9.91 7.76 -13.02
CA ILE B 90 10.91 8.66 -12.43
C ILE B 90 12.25 8.36 -13.07
N VAL B 91 12.87 9.38 -13.65
CA VAL B 91 14.19 9.26 -14.27
C VAL B 91 15.21 9.82 -13.30
N VAL B 92 16.16 8.99 -12.87
CA VAL B 92 17.19 9.41 -11.93
C VAL B 92 18.55 9.29 -12.60
N THR B 93 19.44 10.20 -12.25
CA THR B 93 20.83 10.17 -12.69
C THR B 93 21.73 10.12 -11.47
N LYS B 94 23.03 9.91 -11.71
CA LYS B 94 23.97 9.86 -10.61
C LYS B 94 24.03 11.21 -9.91
N ALA B 95 24.08 11.18 -8.59
CA ALA B 95 24.30 12.38 -7.79
C ALA B 95 25.79 12.62 -7.62
N ASP B 96 26.14 13.76 -7.05
CA ASP B 96 27.54 14.08 -6.82
C ASP B 96 28.09 13.18 -5.72
N GLY B 97 29.24 12.57 -5.97
CA GLY B 97 29.80 11.59 -5.06
C GLY B 97 29.15 10.23 -5.11
N PHE B 98 28.46 9.89 -6.22
CA PHE B 98 27.88 8.56 -6.35
C PHE B 98 28.97 7.49 -6.40
N ASP B 99 29.97 7.68 -7.27
CA ASP B 99 31.04 6.71 -7.40
C ASP B 99 31.78 6.54 -6.08
N ALA B 100 32.04 7.63 -5.37
CA ALA B 100 32.74 7.54 -4.10
C ALA B 100 31.89 6.86 -3.03
N LYS B 101 30.58 7.04 -3.06
CA LYS B 101 29.81 6.40 -2.03
C LYS B 101 29.45 4.97 -2.39
N TYR B 102 29.40 4.65 -3.70
CA TYR B 102 29.15 3.27 -4.09
C TYR B 102 30.36 2.37 -3.86
N GLU B 103 31.57 2.88 -4.09
CA GLU B 103 32.76 2.04 -3.93
C GLU B 103 33.09 1.79 -2.46
N GLU B 104 32.76 2.73 -1.59
CA GLU B 104 32.96 2.50 -0.15
C GLU B 104 31.95 1.48 0.37
N GLN B 105 30.76 1.43 -0.24
CA GLN B 105 29.79 0.41 0.13
C GLN B 105 30.18 -0.95 -0.44
N GLN B 106 30.77 -0.98 -1.63
CA GLN B 106 31.28 -2.23 -2.18
C GLN B 106 32.44 -2.76 -1.35
N LYS B 107 33.36 -1.88 -0.97
CA LYS B 107 34.48 -2.30 -0.13
C LYS B 107 33.98 -2.86 1.20
N ALA B 108 32.94 -2.24 1.77
CA ALA B 108 32.42 -2.71 3.06
C ALA B 108 31.63 -4.00 2.91
N ARG B 109 31.02 -4.24 1.75
CA ARG B 109 30.27 -5.47 1.55
C ARG B 109 31.20 -6.65 1.26
N GLU B 110 32.34 -6.40 0.64
CA GLU B 110 33.32 -7.47 0.43
C GLU B 110 34.07 -7.80 1.71
N ALA B 111 34.37 -6.78 2.52
CA ALA B 111 35.03 -7.02 3.81
C ALA B 111 34.18 -7.93 4.69
N LYS B 112 32.87 -7.72 4.70
CA LYS B 112 31.99 -8.54 5.52
C LYS B 112 31.74 -9.90 4.88
N ARG B 113 31.82 -9.98 3.55
CA ARG B 113 31.63 -11.26 2.87
C ARG B 113 32.83 -12.18 3.06
N LEU B 114 34.03 -11.61 3.15
CA LEU B 114 35.23 -12.41 3.36
C LEU B 114 35.39 -12.80 4.83
N GLU B 115 35.08 -11.88 5.74
CA GLU B 115 35.18 -12.20 7.16
C GLU B 115 34.21 -13.29 7.56
N LYS B 116 33.01 -13.29 6.96
CA LYS B 116 32.06 -14.37 7.21
C LYS B 116 32.57 -15.69 6.65
N GLU B 117 33.20 -15.66 5.48
CA GLU B 117 33.77 -16.87 4.90
C GLU B 117 34.94 -17.38 5.73
N LYS B 118 35.84 -16.48 6.13
CA LYS B 118 37.02 -16.89 6.89
C LYS B 118 36.62 -17.52 8.22
N ASN B 119 35.62 -16.96 8.89
CA ASN B 119 35.18 -17.51 10.17
C ASN B 119 34.34 -18.77 9.99
N GLU B 120 33.64 -18.89 8.86
CA GLU B 120 32.92 -20.12 8.58
C GLU B 120 33.88 -21.27 8.29
N LYS B 121 34.93 -21.00 7.51
CA LYS B 121 35.96 -22.01 7.26
C LYS B 121 36.66 -22.39 8.56
N GLU B 122 36.95 -21.40 9.41
CA GLU B 122 37.63 -21.67 10.67
C GLU B 122 36.74 -22.46 11.61
N LYS B 123 35.43 -22.21 11.60
CA LYS B 123 34.52 -22.98 12.44
C LYS B 123 34.42 -24.42 11.96
N ALA B 124 34.59 -24.66 10.67
CA ALA B 124 34.54 -26.01 10.13
C ALA B 124 35.82 -26.79 10.38
N THR B 125 36.92 -26.12 10.70
CA THR B 125 38.18 -26.80 10.97
C THR B 125 38.55 -26.71 12.44
N PRO C 10 -25.10 -8.28 -3.81
CA PRO C 10 -25.35 -8.76 -2.45
C PRO C 10 -25.60 -7.60 -1.48
N ARG C 11 -26.83 -7.51 -0.96
CA ARG C 11 -27.22 -6.36 -0.17
C ARG C 11 -26.40 -6.26 1.11
N ASN C 12 -26.10 -7.40 1.74
CA ASN C 12 -25.37 -7.42 3.00
C ASN C 12 -23.85 -7.51 2.82
N SER C 13 -23.32 -7.04 1.70
CA SER C 13 -21.89 -7.07 1.44
C SER C 13 -21.41 -5.65 1.16
N VAL C 14 -20.50 -5.15 1.98
CA VAL C 14 -19.94 -3.81 1.82
C VAL C 14 -18.52 -3.96 1.30
N ARG C 15 -18.28 -3.45 0.10
CA ARG C 15 -16.96 -3.51 -0.52
C ARG C 15 -16.27 -2.16 -0.31
N VAL C 16 -15.23 -2.15 0.50
CA VAL C 16 -14.49 -0.94 0.79
C VAL C 16 -13.51 -0.67 -0.34
N GLY C 17 -13.55 0.53 -0.90
CA GLY C 17 -12.67 0.83 -2.00
C GLY C 17 -12.50 2.32 -2.22
N TYR C 18 -11.72 2.64 -3.25
CA TYR C 18 -11.29 3.99 -3.56
C TYR C 18 -12.09 4.67 -4.67
N ARG C 19 -13.03 3.97 -5.31
CA ARG C 19 -13.73 4.55 -6.46
C ARG C 19 -14.47 5.83 -6.08
N GLY C 20 -15.16 5.84 -4.94
CA GLY C 20 -15.85 7.04 -4.52
C GLY C 20 -14.93 8.11 -3.98
N THR C 21 -13.65 7.76 -3.75
CA THR C 21 -12.70 8.72 -3.23
C THR C 21 -12.02 9.48 -4.35
N LYS C 22 -11.68 8.78 -5.43
CA LYS C 22 -11.09 9.45 -6.58
C LYS C 22 -12.08 10.39 -7.25
N PHE C 23 -13.37 10.01 -7.30
CA PHE C 23 -14.37 10.88 -7.92
C PHE C 23 -14.59 12.14 -7.09
N LEU C 24 -14.52 12.02 -5.77
CA LEU C 24 -14.70 13.19 -4.91
C LEU C 24 -13.54 14.17 -5.07
N PHE C 25 -12.31 13.66 -5.07
CA PHE C 25 -11.15 14.54 -5.17
C PHE C 25 -10.99 15.12 -6.57
N VAL C 26 -11.43 14.39 -7.60
CA VAL C 26 -11.51 14.97 -8.94
C VAL C 26 -12.51 16.12 -8.94
N ASP C 27 -13.65 15.93 -8.26
CA ASP C 27 -14.67 16.97 -8.19
C ASP C 27 -14.17 18.18 -7.39
N ILE C 28 -13.52 17.94 -6.27
CA ILE C 28 -12.99 19.03 -5.45
C ILE C 28 -11.97 19.84 -6.23
N THR C 29 -11.06 19.15 -6.93
CA THR C 29 -10.03 19.84 -7.71
C THR C 29 -10.66 20.70 -8.81
N LYS C 30 -11.68 20.19 -9.49
CA LYS C 30 -12.36 20.95 -10.52
C LYS C 30 -13.00 22.22 -9.96
N HIS C 31 -13.63 22.12 -8.80
CA HIS C 31 -14.30 23.28 -8.22
C HIS C 31 -13.31 24.38 -7.84
N LEU C 32 -12.15 24.01 -7.31
CA LEU C 32 -11.18 25.04 -6.92
C LEU C 32 -10.62 25.75 -8.15
N LEU C 33 -10.39 25.02 -9.24
CA LEU C 33 -9.93 25.67 -10.46
C LEU C 33 -11.03 26.57 -11.03
N HIS C 34 -12.27 26.12 -10.96
CA HIS C 34 -13.39 26.92 -11.46
C HIS C 34 -13.61 28.16 -10.62
N ASP C 35 -13.27 28.10 -9.33
CA ASP C 35 -13.48 29.22 -8.41
C ASP C 35 -12.24 30.08 -8.25
N GLY C 36 -11.50 30.36 -9.32
CA GLY C 36 -10.47 31.36 -9.32
C GLY C 36 -9.04 30.85 -9.25
N GLU C 37 -8.82 29.69 -8.63
CA GLU C 37 -7.46 29.22 -8.39
C GLU C 37 -6.73 28.94 -9.69
N LYS C 38 -5.51 29.49 -9.82
CA LYS C 38 -4.69 29.27 -10.99
C LYS C 38 -4.04 27.89 -10.98
N GLU C 39 -3.73 27.36 -9.80
CA GLU C 39 -3.07 26.07 -9.66
C GLU C 39 -3.62 25.36 -8.42
N VAL C 40 -3.71 24.03 -8.52
CA VAL C 40 -4.15 23.18 -7.42
C VAL C 40 -3.03 22.21 -7.12
N TYR C 41 -2.69 22.07 -5.84
CA TYR C 41 -1.66 21.15 -5.39
C TYR C 41 -2.32 19.88 -4.92
N VAL C 42 -2.23 18.83 -5.72
CA VAL C 42 -2.82 17.52 -5.41
C VAL C 42 -1.72 16.67 -4.79
N SER C 43 -1.90 16.31 -3.53
CA SER C 43 -0.87 15.60 -2.77
C SER C 43 -1.50 14.43 -2.03
N ALA C 44 -0.65 13.49 -1.63
CA ALA C 44 -1.08 12.33 -0.86
C ALA C 44 0.12 11.69 -0.20
N LEU C 45 -0.14 10.88 0.81
CA LEU C 45 0.89 10.23 1.60
C LEU C 45 0.81 8.72 1.42
N GLY C 46 1.99 8.08 1.34
CA GLY C 46 2.10 6.64 1.33
C GLY C 46 1.23 5.91 0.34
N GLY C 47 0.31 5.08 0.84
CA GLY C 47 -0.56 4.28 0.00
C GLY C 47 -1.57 5.09 -0.79
N ALA C 48 -1.76 6.36 -0.46
CA ALA C 48 -2.69 7.21 -1.18
C ALA C 48 -2.04 7.89 -2.38
N ILE C 49 -0.74 7.67 -2.58
CA ILE C 49 -0.05 8.22 -3.75
C ILE C 49 -0.65 7.69 -5.03
N ASN C 50 -1.06 6.42 -5.03
CA ASN C 50 -1.65 5.82 -6.22
C ASN C 50 -2.96 6.51 -6.59
N GLU C 51 -3.82 6.76 -5.60
CA GLU C 51 -5.09 7.41 -5.88
C GLU C 51 -4.91 8.85 -6.33
N ALA C 52 -3.90 9.55 -5.78
CA ALA C 52 -3.62 10.91 -6.22
C ALA C 52 -3.15 10.96 -7.67
N VAL C 53 -2.41 9.95 -8.11
CA VAL C 53 -1.97 9.89 -9.50
C VAL C 53 -3.15 9.58 -10.41
N SER C 54 -4.03 8.67 -9.98
CA SER C 54 -5.19 8.35 -10.80
C SER C 54 -6.19 9.51 -10.82
N VAL C 55 -6.27 10.26 -9.72
CA VAL C 55 -7.14 11.44 -9.68
C VAL C 55 -6.69 12.47 -10.71
N VAL C 56 -5.37 12.62 -10.88
CA VAL C 56 -4.86 13.55 -11.85
C VAL C 56 -5.02 12.99 -13.27
N GLU C 57 -4.82 11.68 -13.42
CA GLU C 57 -5.01 11.07 -14.74
C GLU C 57 -6.46 11.16 -15.18
N MET C 58 -7.40 11.05 -14.24
CA MET C 58 -8.81 11.25 -14.58
C MET C 58 -9.07 12.68 -15.02
N LEU C 59 -8.47 13.65 -14.32
CA LEU C 59 -8.61 15.05 -14.73
C LEU C 59 -7.98 15.30 -16.09
N LYS C 60 -6.88 14.62 -16.39
CA LYS C 60 -6.26 14.74 -17.71
C LYS C 60 -7.11 14.06 -18.77
N ASP C 61 -7.74 12.94 -18.43
CA ASP C 61 -8.62 12.25 -19.36
C ASP C 61 -9.81 13.11 -19.74
N GLN C 62 -10.37 13.83 -18.77
CA GLN C 62 -11.48 14.75 -19.02
C GLN C 62 -11.05 16.07 -19.66
N GLN C 63 -9.77 16.21 -20.00
CA GLN C 63 -9.23 17.43 -20.64
C GLN C 63 -9.47 18.67 -19.77
N MET C 64 -9.35 18.51 -18.46
CA MET C 64 -9.57 19.62 -17.54
C MET C 64 -8.28 20.26 -17.05
N VAL C 65 -7.21 19.49 -16.85
CA VAL C 65 -5.97 20.01 -16.29
C VAL C 65 -4.79 19.60 -17.15
N VAL C 66 -3.68 20.28 -16.91
CA VAL C 66 -2.36 19.88 -17.41
C VAL C 66 -1.40 19.89 -16.23
N VAL C 67 -0.53 18.89 -16.17
CA VAL C 67 0.42 18.77 -15.07
C VAL C 67 1.57 19.75 -15.27
N LYS C 68 1.79 20.61 -14.28
CA LYS C 68 2.89 21.58 -14.33
C LYS C 68 4.15 21.11 -13.60
N LYS C 69 4.01 20.27 -12.59
CA LYS C 69 5.16 19.82 -11.80
C LYS C 69 4.74 18.66 -10.91
N ILE C 70 5.64 17.69 -10.76
CA ILE C 70 5.47 16.58 -9.83
C ILE C 70 6.74 16.46 -8.99
N THR C 71 6.58 16.49 -7.67
CA THR C 71 7.70 16.32 -6.75
C THR C 71 7.38 15.25 -5.72
N THR C 72 8.41 14.54 -5.28
CA THR C 72 8.31 13.57 -4.21
C THR C 72 9.21 13.98 -3.05
N SER C 73 8.81 13.59 -1.85
CA SER C 73 9.59 13.90 -0.65
C SER C 73 9.35 12.81 0.39
N ARG C 74 10.16 12.84 1.45
CA ARG C 74 10.09 11.84 2.51
C ARG C 74 10.21 12.50 3.87
N GLN C 75 9.30 12.16 4.78
CA GLN C 75 9.36 12.65 6.15
C GLN C 75 9.49 11.46 7.09
N VAL C 76 9.86 11.75 8.33
CA VAL C 76 10.05 10.71 9.34
C VAL C 76 8.78 10.50 10.16
N GLY C 83 8.21 3.91 10.58
CA GLY C 83 8.19 3.87 9.13
C GLY C 83 8.21 5.25 8.49
N PRO C 84 9.08 5.43 7.49
CA PRO C 84 9.12 6.70 6.76
C PRO C 84 7.82 6.92 6.00
N VAL C 85 7.52 8.20 5.76
CA VAL C 85 6.29 8.59 5.08
C VAL C 85 6.68 9.26 3.77
N ASP C 86 6.25 8.68 2.66
CA ASP C 86 6.51 9.24 1.35
C ASP C 86 5.34 10.13 0.93
N LYS C 87 5.65 11.13 0.12
CA LYS C 87 4.66 12.12 -0.28
C LYS C 87 4.87 12.48 -1.74
N ILE C 88 3.77 12.58 -2.47
CA ILE C 88 3.79 13.07 -3.84
C ILE C 88 3.01 14.38 -3.87
N GLU C 89 3.39 15.26 -4.79
CA GLU C 89 2.72 16.54 -4.95
C GLU C 89 2.67 16.86 -6.44
N ILE C 90 1.47 16.85 -7.01
CA ILE C 90 1.26 17.14 -8.42
C ILE C 90 0.58 18.51 -8.51
N VAL C 91 1.19 19.41 -9.27
CA VAL C 91 0.64 20.74 -9.48
C VAL C 91 -0.08 20.73 -10.82
N VAL C 92 -1.38 21.03 -10.79
CA VAL C 92 -2.20 21.04 -12.00
C VAL C 92 -2.72 22.44 -12.21
N THR C 93 -2.83 22.82 -13.48
CA THR C 93 -3.40 24.10 -13.88
C THR C 93 -4.54 23.85 -14.86
N LYS C 94 -5.27 24.92 -15.16
CA LYS C 94 -6.38 24.83 -16.10
C LYS C 94 -5.89 24.48 -17.49
N ALA C 95 -6.61 23.60 -18.17
CA ALA C 95 -6.36 23.33 -19.57
C ALA C 95 -7.19 24.28 -20.43
N ASP C 96 -6.90 24.28 -21.73
CA ASP C 96 -7.66 25.12 -22.66
C ASP C 96 -9.06 24.54 -22.85
N GLY C 97 -10.06 25.41 -22.78
CA GLY C 97 -11.43 24.94 -22.82
C GLY C 97 -11.95 24.33 -21.54
N PHE C 98 -11.33 24.65 -20.40
CA PHE C 98 -11.82 24.14 -19.12
C PHE C 98 -13.22 24.68 -18.82
N ASP C 99 -13.40 26.00 -18.93
CA ASP C 99 -14.69 26.61 -18.62
C ASP C 99 -15.80 26.04 -19.49
N ALA C 100 -15.53 25.83 -20.79
CA ALA C 100 -16.55 25.31 -21.67
C ALA C 100 -16.91 23.87 -21.34
N LYS C 101 -15.93 23.08 -20.85
CA LYS C 101 -16.22 21.71 -20.49
C LYS C 101 -16.77 21.60 -19.06
N TYR C 102 -16.43 22.56 -18.19
CA TYR C 102 -16.99 22.57 -16.86
C TYR C 102 -18.46 22.98 -16.89
N GLU C 103 -18.81 23.91 -17.78
CA GLU C 103 -20.21 24.33 -17.89
C GLU C 103 -21.06 23.25 -18.55
N GLU C 104 -20.46 22.47 -19.46
CA GLU C 104 -21.19 21.37 -20.07
C GLU C 104 -21.36 20.22 -19.08
N GLN C 105 -20.42 20.03 -18.18
CA GLN C 105 -20.56 18.98 -17.17
C GLN C 105 -21.57 19.38 -16.11
N GLN C 106 -21.62 20.66 -15.76
CA GLN C 106 -22.63 21.14 -14.82
C GLN C 106 -24.03 21.04 -15.42
N LYS C 107 -24.17 21.40 -16.70
CA LYS C 107 -25.48 21.30 -17.35
C LYS C 107 -25.99 19.87 -17.36
N ALA C 108 -25.11 18.89 -17.57
CA ALA C 108 -25.55 17.50 -17.60
C ALA C 108 -25.87 16.97 -16.21
N ARG C 109 -25.20 17.49 -15.17
CA ARG C 109 -25.48 17.07 -13.81
C ARG C 109 -26.73 17.73 -13.26
N GLU C 110 -27.02 18.96 -13.68
CA GLU C 110 -28.25 19.62 -13.27
C GLU C 110 -29.45 19.07 -14.03
N ALA C 111 -29.26 18.73 -15.31
CA ALA C 111 -30.33 18.11 -16.09
C ALA C 111 -30.78 16.79 -15.48
N LYS C 112 -29.84 15.98 -14.99
CA LYS C 112 -30.20 14.68 -14.44
C LYS C 112 -30.78 14.80 -13.04
N ARG C 113 -30.40 15.82 -12.28
CA ARG C 113 -30.93 16.02 -10.94
C ARG C 113 -32.37 16.53 -10.99
N ARG D 11 -4.97 26.87 0.84
CA ARG D 11 -6.34 26.85 0.31
C ARG D 11 -6.40 26.10 -1.01
N ASN D 12 -5.37 26.26 -1.83
CA ASN D 12 -5.27 25.64 -3.15
C ASN D 12 -4.56 24.29 -3.10
N SER D 13 -4.66 23.55 -1.99
CA SER D 13 -3.99 22.27 -1.83
C SER D 13 -5.03 21.19 -1.54
N VAL D 14 -5.09 20.19 -2.40
CA VAL D 14 -5.98 19.05 -2.23
C VAL D 14 -5.15 17.87 -1.79
N ARG D 15 -5.41 17.38 -0.58
CA ARG D 15 -4.69 16.24 -0.03
C ARG D 15 -5.60 15.02 -0.16
N VAL D 16 -5.19 14.07 -1.01
CA VAL D 16 -5.98 12.87 -1.24
C VAL D 16 -5.73 11.89 -0.12
N GLY D 17 -6.79 11.38 0.49
CA GLY D 17 -6.64 10.46 1.59
C GLY D 17 -7.92 9.68 1.81
N TYR D 18 -7.87 8.80 2.82
CA TYR D 18 -8.95 7.86 3.08
C TYR D 18 -9.92 8.29 4.16
N ARG D 19 -9.60 9.33 4.94
CA ARG D 19 -10.52 9.77 5.98
C ARG D 19 -11.76 10.36 5.31
N GLY D 20 -12.91 9.81 5.64
CA GLY D 20 -14.16 10.20 5.01
C GLY D 20 -14.68 9.02 4.23
N THR D 21 -13.75 8.32 3.56
CA THR D 21 -14.11 7.09 2.87
C THR D 21 -14.36 5.98 3.87
N LYS D 22 -13.55 5.93 4.93
CA LYS D 22 -13.80 4.98 6.01
C LYS D 22 -15.10 5.32 6.73
N PHE D 23 -15.42 6.61 6.84
CA PHE D 23 -16.66 7.02 7.49
C PHE D 23 -17.88 6.61 6.68
N LEU D 24 -17.78 6.68 5.35
CA LEU D 24 -18.89 6.30 4.50
C LEU D 24 -19.23 4.82 4.68
N PHE D 25 -18.21 3.97 4.68
CA PHE D 25 -18.44 2.54 4.84
C PHE D 25 -18.81 2.19 6.27
N VAL D 26 -18.33 2.96 7.25
CA VAL D 26 -18.81 2.80 8.62
C VAL D 26 -20.30 3.11 8.70
N ASP D 27 -20.72 4.18 8.02
CA ASP D 27 -22.13 4.56 8.01
C ASP D 27 -22.96 3.53 7.25
N ILE D 28 -22.47 3.08 6.10
CA ILE D 28 -23.20 2.08 5.31
C ILE D 28 -23.39 0.80 6.11
N THR D 29 -22.34 0.34 6.79
CA THR D 29 -22.44 -0.87 7.61
C THR D 29 -23.47 -0.70 8.72
N LYS D 30 -23.47 0.46 9.37
CA LYS D 30 -24.46 0.73 10.42
C LYS D 30 -25.87 0.72 9.86
N HIS D 31 -26.07 1.33 8.69
CA HIS D 31 -27.40 1.38 8.10
C HIS D 31 -27.89 0.00 7.70
N LEU D 32 -27.00 -0.83 7.16
CA LEU D 32 -27.40 -2.16 6.70
C LEU D 32 -27.77 -3.06 7.88
N LEU D 33 -27.03 -2.95 8.99
CA LEU D 33 -27.39 -3.74 10.17
C LEU D 33 -28.70 -3.27 10.76
N HIS D 34 -28.94 -1.96 10.75
CA HIS D 34 -30.22 -1.43 11.25
C HIS D 34 -31.37 -1.77 10.32
N ASP D 35 -31.10 -1.92 9.02
CA ASP D 35 -32.14 -2.17 8.03
C ASP D 35 -32.33 -3.65 7.73
N GLY D 36 -32.30 -4.50 8.76
CA GLY D 36 -32.71 -5.88 8.66
C GLY D 36 -31.58 -6.90 8.61
N GLU D 37 -30.42 -6.52 8.07
CA GLU D 37 -29.34 -7.49 7.91
C GLU D 37 -28.81 -7.92 9.27
N LYS D 38 -28.71 -9.24 9.48
CA LYS D 38 -28.16 -9.76 10.72
C LYS D 38 -26.64 -9.67 10.74
N GLU D 39 -26.00 -9.77 9.58
CA GLU D 39 -24.55 -9.71 9.47
C GLU D 39 -24.19 -9.00 8.18
N VAL D 40 -23.09 -8.26 8.22
CA VAL D 40 -22.58 -7.53 7.06
C VAL D 40 -21.16 -8.02 6.78
N TYR D 41 -20.87 -8.30 5.51
CA TYR D 41 -19.57 -8.77 5.08
C TYR D 41 -18.76 -7.57 4.58
N VAL D 42 -17.78 -7.16 5.37
CA VAL D 42 -16.91 -6.04 5.03
C VAL D 42 -15.65 -6.62 4.39
N SER D 43 -15.44 -6.32 3.11
CA SER D 43 -14.36 -6.89 2.34
C SER D 43 -13.63 -5.81 1.56
N ALA D 44 -12.41 -6.13 1.13
CA ALA D 44 -11.62 -5.21 0.32
C ALA D 44 -10.50 -6.00 -0.37
N LEU D 45 -9.95 -5.39 -1.41
CA LEU D 45 -8.91 -6.01 -2.22
C LEU D 45 -7.61 -5.22 -2.09
N GLY D 46 -6.49 -5.95 -2.05
CA GLY D 46 -5.17 -5.36 -2.08
C GLY D 46 -4.92 -4.24 -1.08
N GLY D 47 -4.64 -3.05 -1.59
CA GLY D 47 -4.31 -1.91 -0.75
C GLY D 47 -5.46 -1.40 0.09
N ALA D 48 -6.69 -1.82 -0.20
CA ALA D 48 -7.85 -1.40 0.57
C ALA D 48 -8.11 -2.30 1.78
N ILE D 49 -7.31 -3.35 1.95
CA ILE D 49 -7.47 -4.23 3.11
C ILE D 49 -7.22 -3.46 4.39
N ASN D 50 -6.26 -2.53 4.36
CA ASN D 50 -5.98 -1.73 5.54
C ASN D 50 -7.18 -0.87 5.93
N GLU D 51 -7.82 -0.23 4.95
CA GLU D 51 -8.99 0.59 5.22
C GLU D 51 -10.17 -0.24 5.69
N ALA D 52 -10.34 -1.46 5.15
CA ALA D 52 -11.40 -2.33 5.61
C ALA D 52 -11.20 -2.73 7.07
N VAL D 53 -9.95 -2.89 7.49
CA VAL D 53 -9.67 -3.21 8.89
C VAL D 53 -9.95 -1.99 9.76
N SER D 54 -9.61 -0.80 9.27
CA SER D 54 -9.87 0.43 10.02
C SER D 54 -11.37 0.70 10.12
N VAL D 55 -12.14 0.34 9.09
CA VAL D 55 -13.59 0.54 9.14
C VAL D 55 -14.19 -0.30 10.27
N VAL D 56 -13.70 -1.53 10.45
CA VAL D 56 -14.24 -2.40 11.49
C VAL D 56 -13.77 -1.92 12.86
N GLU D 57 -12.53 -1.46 12.96
CA GLU D 57 -12.03 -0.95 14.23
C GLU D 57 -12.78 0.31 14.65
N MET D 58 -13.17 1.15 13.68
CA MET D 58 -13.99 2.31 14.00
C MET D 58 -15.35 1.88 14.52
N LEU D 59 -15.95 0.86 13.89
CA LEU D 59 -17.22 0.33 14.37
C LEU D 59 -17.10 -0.29 15.75
N LYS D 60 -15.95 -0.91 16.05
CA LYS D 60 -15.75 -1.53 17.35
C LYS D 60 -15.60 -0.48 18.45
N ASP D 61 -14.93 0.64 18.16
CA ASP D 61 -14.81 1.70 19.15
C ASP D 61 -16.17 2.31 19.47
N GLN D 62 -17.03 2.43 18.47
CA GLN D 62 -18.38 2.94 18.70
C GLN D 62 -19.28 1.92 19.37
N GLN D 63 -18.76 0.73 19.68
CA GLN D 63 -19.52 -0.33 20.36
C GLN D 63 -20.78 -0.70 19.59
N MET D 64 -20.68 -0.69 18.26
CA MET D 64 -21.83 -1.00 17.41
C MET D 64 -21.84 -2.42 16.89
N VAL D 65 -20.68 -3.01 16.62
CA VAL D 65 -20.61 -4.34 16.02
C VAL D 65 -19.69 -5.23 16.85
N VAL D 66 -19.80 -6.53 16.61
CA VAL D 66 -18.85 -7.52 17.09
C VAL D 66 -18.40 -8.35 15.91
N VAL D 67 -17.10 -8.67 15.87
CA VAL D 67 -16.53 -9.43 14.76
C VAL D 67 -16.87 -10.90 14.93
N LYS D 68 -17.52 -11.49 13.93
CA LYS D 68 -17.88 -12.90 13.96
C LYS D 68 -16.88 -13.79 13.23
N LYS D 69 -16.19 -13.27 12.21
CA LYS D 69 -15.27 -14.08 11.43
C LYS D 69 -14.42 -13.16 10.55
N ILE D 70 -13.15 -13.51 10.40
CA ILE D 70 -12.24 -12.83 9.48
C ILE D 70 -11.53 -13.90 8.66
N THR D 71 -11.63 -13.81 7.34
CA THR D 71 -10.95 -14.71 6.43
C THR D 71 -10.20 -13.93 5.38
N THR D 72 -9.08 -14.49 4.92
CA THR D 72 -8.31 -13.94 3.82
C THR D 72 -8.28 -14.93 2.67
N SER D 73 -8.18 -14.40 1.45
CA SER D 73 -8.16 -15.24 0.26
C SER D 73 -7.33 -14.56 -0.82
N ARG D 74 -7.11 -15.30 -1.91
CA ARG D 74 -6.30 -14.82 -3.03
C ARG D 74 -6.98 -15.14 -4.36
N GLN D 75 -7.08 -14.13 -5.21
CA GLN D 75 -7.64 -14.25 -6.55
C GLN D 75 -6.56 -13.90 -7.57
N VAL D 76 -6.87 -14.15 -8.84
CA VAL D 76 -5.91 -13.93 -9.92
C VAL D 76 -6.01 -12.51 -10.47
N GLY D 83 -0.58 -8.92 -11.24
CA GLY D 83 -0.26 -9.71 -10.07
C GLY D 83 -1.47 -10.28 -9.36
N PRO D 84 -1.24 -11.16 -8.39
CA PRO D 84 -2.35 -11.71 -7.62
C PRO D 84 -2.98 -10.66 -6.74
N VAL D 85 -4.26 -10.85 -6.42
CA VAL D 85 -5.03 -9.90 -5.64
C VAL D 85 -5.47 -10.60 -4.36
N ASP D 86 -5.08 -10.03 -3.22
CA ASP D 86 -5.46 -10.58 -1.93
C ASP D 86 -6.76 -9.93 -1.46
N LYS D 87 -7.52 -10.66 -0.66
CA LYS D 87 -8.84 -10.24 -0.24
C LYS D 87 -9.04 -10.60 1.22
N ILE D 88 -9.62 -9.67 1.97
CA ILE D 88 -10.02 -9.89 3.34
C ILE D 88 -11.54 -9.81 3.41
N GLU D 89 -12.13 -10.54 4.35
CA GLU D 89 -13.58 -10.54 4.54
C GLU D 89 -13.85 -10.63 6.04
N ILE D 90 -14.39 -9.55 6.59
CA ILE D 90 -14.74 -9.49 8.01
C ILE D 90 -16.25 -9.49 8.13
N VAL D 91 -16.78 -10.42 8.91
CA VAL D 91 -18.21 -10.53 9.15
C VAL D 91 -18.51 -9.89 10.49
N VAL D 92 -19.36 -8.86 10.48
CA VAL D 92 -19.73 -8.16 11.70
C VAL D 92 -21.24 -8.32 11.90
N THR D 93 -21.63 -8.42 13.16
CA THR D 93 -23.03 -8.47 13.55
C THR D 93 -23.30 -7.36 14.55
N LYS D 94 -24.58 -7.17 14.86
CA LYS D 94 -24.94 -6.13 15.81
C LYS D 94 -24.34 -6.41 17.18
N ALA D 95 -23.86 -5.36 17.83
CA ALA D 95 -23.47 -5.52 19.22
C ALA D 95 -24.68 -5.25 20.10
N ASP D 96 -24.54 -5.57 21.38
CA ASP D 96 -25.65 -5.35 22.30
C ASP D 96 -25.77 -3.85 22.59
N GLY D 97 -26.99 -3.35 22.55
CA GLY D 97 -27.23 -1.92 22.62
C GLY D 97 -26.96 -1.18 21.34
N PHE D 98 -26.93 -1.88 20.20
CA PHE D 98 -26.79 -1.21 18.91
C PHE D 98 -28.02 -0.37 18.60
N ASP D 99 -29.21 -0.96 18.73
CA ASP D 99 -30.44 -0.24 18.44
C ASP D 99 -30.57 0.99 19.32
N ALA D 100 -30.22 0.86 20.60
CA ALA D 100 -30.30 2.02 21.50
C ALA D 100 -29.29 3.09 21.12
N LYS D 101 -28.12 2.70 20.59
CA LYS D 101 -27.12 3.68 20.19
C LYS D 101 -27.35 4.20 18.77
N TYR D 102 -27.97 3.41 17.91
CA TYR D 102 -28.29 3.89 16.56
C TYR D 102 -29.42 4.91 16.58
N GLU D 103 -30.38 4.75 17.49
CA GLU D 103 -31.50 5.69 17.56
C GLU D 103 -31.06 7.04 18.11
N GLU D 104 -30.06 7.06 18.98
CA GLU D 104 -29.54 8.33 19.48
C GLU D 104 -28.75 9.07 18.40
N GLN D 105 -28.10 8.34 17.49
CA GLN D 105 -27.37 8.98 16.41
C GLN D 105 -28.31 9.50 15.33
N GLN D 106 -29.41 8.78 15.07
CA GLN D 106 -30.39 9.27 14.10
C GLN D 106 -31.08 10.53 14.61
N LYS D 107 -31.48 10.55 15.89
CA LYS D 107 -32.10 11.74 16.46
C LYS D 107 -31.14 12.93 16.41
N ALA D 108 -29.84 12.69 16.66
CA ALA D 108 -28.88 13.77 16.66
C ALA D 108 -28.57 14.24 15.24
N ARG D 109 -28.67 13.35 14.26
CA ARG D 109 -28.43 13.76 12.88
C ARG D 109 -29.60 14.56 12.34
N GLU D 110 -30.81 14.29 12.84
CA GLU D 110 -31.93 15.14 12.47
C GLU D 110 -31.96 16.48 13.18
N ALA D 111 -31.56 16.55 14.45
CA ALA D 111 -31.49 17.86 15.09
C ALA D 111 -30.59 18.79 14.28
N LYS D 112 -29.49 18.25 13.74
CA LYS D 112 -28.56 19.05 12.96
C LYS D 112 -29.07 19.36 11.55
N ARG D 113 -29.91 18.51 10.96
CA ARG D 113 -30.41 18.82 9.62
C ARG D 113 -31.47 19.91 9.67
N LEU D 114 -32.29 19.92 10.72
CA LEU D 114 -33.24 21.00 10.90
C LEU D 114 -32.54 22.31 11.25
N GLU D 115 -31.46 22.23 12.03
CA GLU D 115 -30.71 23.43 12.37
C GLU D 115 -30.04 24.04 11.15
N LYS D 116 -29.43 23.20 10.30
CA LYS D 116 -28.83 23.71 9.07
C LYS D 116 -29.90 24.24 8.12
N GLU D 117 -31.09 23.63 8.12
CA GLU D 117 -32.18 24.13 7.28
C GLU D 117 -32.69 25.47 7.79
N LYS D 118 -32.89 25.59 9.11
CA LYS D 118 -33.34 26.86 9.68
C LYS D 118 -32.28 27.95 9.51
N ASN D 119 -31.00 27.58 9.63
CA ASN D 119 -29.94 28.56 9.45
C ASN D 119 -29.87 29.03 8.00
N GLU D 120 -30.14 28.13 7.05
CA GLU D 120 -30.10 28.50 5.64
C GLU D 120 -31.14 29.56 5.32
N LYS D 121 -32.34 29.44 5.90
CA LYS D 121 -33.39 30.42 5.67
C LYS D 121 -33.16 31.69 6.48
N GLU D 122 -32.61 31.57 7.68
CA GLU D 122 -32.30 32.76 8.48
C GLU D 122 -31.16 33.57 7.87
N LYS D 123 -30.35 32.98 6.99
CA LYS D 123 -29.31 33.70 6.29
C LYS D 123 -29.88 34.43 5.08
N ALA D 124 -31.15 34.80 5.16
CA ALA D 124 -31.79 35.68 4.17
C ALA D 124 -31.58 37.14 4.55
N THR D 125 -30.34 37.50 4.81
CA THR D 125 -30.00 38.86 5.23
C THR D 125 -28.62 39.26 4.70
#